data_3L0V
#
_entry.id   3L0V
#
_cell.length_a   72.038
_cell.length_b   76.836
_cell.length_c   103.798
_cell.angle_alpha   90.00
_cell.angle_beta   90.00
_cell.angle_gamma   90.00
#
_symmetry.space_group_name_H-M   'P 21 21 21'
#
loop_
_entity.id
_entity.type
_entity.pdbx_description
1 polymer 'Disintegrin and metalloproteinase domain-containing protein 17'
2 non-polymer 'ZINC ION'
3 non-polymer (5R)-5-[(5-methoxy-3-oxo-1,3-dihydro-2H-indazol-2-yl)methyl]-5-methylimidazolidine-2,4-dione
4 water water
#
_entity_poly.entity_id   1
_entity_poly.type   'polypeptide(L)'
_entity_poly.pdbx_seq_one_letter_code
;RADPDPMKNTCKLLVVADHRFYRYMGRGEESTTTNYLIELIDRVDDIYRNTAWDNAGFKGYGIQIEQIRILKSPQEVKPG
EKHYNMAKSYPNEEKDAWDVKMLLEQFSFDIAEEASKVCLAHLFTYQDFDMGTLGLAYGGSPRANSHGGVCPKAYYSPVG
KKNIYLNSGLTSTKNYGKTILTKEADLVTTHELGHNFGAEHDPDGLAECAPNEDQGGKYVMYPIAVSGDHENNKMFSQCS
KQSIYKTIESKAQECFQERSNKGSHHHHHH
;
_entity_poly.pdbx_strand_id   A,B
#
# COMPACT_ATOMS: atom_id res chain seq x y z
N ALA A 2 -2.35 3.40 0.50
CA ALA A 2 -2.92 2.63 -0.61
C ALA A 2 -2.68 1.14 -0.44
N ASP A 3 -3.72 0.36 -0.73
CA ASP A 3 -3.66 -1.10 -0.63
C ASP A 3 -3.64 -1.73 -2.01
N PRO A 4 -2.78 -2.74 -2.25
CA PRO A 4 -2.79 -3.40 -3.56
C PRO A 4 -4.07 -4.20 -3.80
N ASP A 5 -4.57 -4.15 -5.05
CA ASP A 5 -5.72 -4.95 -5.47
C ASP A 5 -5.08 -6.12 -6.24
N PRO A 6 -5.06 -7.36 -5.66
CA PRO A 6 -4.45 -8.49 -6.38
C PRO A 6 -5.16 -8.83 -7.70
N MET A 7 -6.40 -8.34 -7.88
CA MET A 7 -7.17 -8.54 -9.10
C MET A 7 -6.77 -7.54 -10.20
N LYS A 8 -6.03 -6.50 -9.82
CA LYS A 8 -5.59 -5.44 -10.74
C LYS A 8 -4.14 -5.06 -10.41
N ASN A 9 -3.24 -6.07 -10.43
CA ASN A 9 -1.86 -5.79 -10.10
C ASN A 9 -0.85 -6.15 -11.20
N THR A 10 -1.33 -6.57 -12.39
CA THR A 10 -0.44 -7.03 -13.47
C THR A 10 -0.68 -6.30 -14.78
N CYS A 11 0.40 -5.80 -15.37
CA CYS A 11 0.31 -5.12 -16.66
C CYS A 11 0.59 -6.20 -17.71
N LYS A 12 -0.44 -6.63 -18.44
CA LYS A 12 -0.34 -7.66 -19.48
C LYS A 12 0.25 -7.03 -20.76
N LEU A 13 1.23 -7.73 -21.35
CA LEU A 13 1.98 -7.24 -22.50
C LEU A 13 1.68 -7.94 -23.80
N LEU A 14 1.65 -7.17 -24.89
CA LEU A 14 1.73 -7.72 -26.24
C LEU A 14 3.23 -7.53 -26.57
N VAL A 15 3.96 -8.62 -26.76
CA VAL A 15 5.37 -8.61 -27.11
C VAL A 15 5.45 -8.95 -28.58
N VAL A 16 6.16 -8.10 -29.34
CA VAL A 16 6.32 -8.31 -30.77
C VAL A 16 7.82 -8.52 -31.08
N ALA A 17 8.14 -9.62 -31.75
CA ALA A 17 9.50 -9.89 -32.23
C ALA A 17 9.46 -9.64 -33.74
N ASP A 18 10.19 -8.62 -34.22
CA ASP A 18 10.17 -8.34 -35.67
C ASP A 18 11.07 -9.35 -36.43
N HIS A 19 11.08 -9.25 -37.79
CA HIS A 19 11.89 -10.18 -38.60
C HIS A 19 13.39 -10.15 -38.27
N ARG A 20 13.90 -8.98 -37.87
CA ARG A 20 15.32 -8.79 -37.49
C ARG A 20 15.62 -9.58 -36.23
N PHE A 21 14.71 -9.47 -35.24
CA PHE A 21 14.85 -10.23 -34.01
C PHE A 21 14.75 -11.74 -34.28
N TYR A 22 13.75 -12.16 -35.07
CA TYR A 22 13.54 -13.56 -35.42
C TYR A 22 14.81 -14.17 -36.06
N ARG A 23 15.39 -13.46 -37.03
CA ARG A 23 16.58 -13.93 -37.74
C ARG A 23 17.83 -13.93 -36.87
N TYR A 24 18.15 -12.77 -36.25
CA TYR A 24 19.39 -12.61 -35.52
C TYR A 24 19.47 -13.10 -34.09
N MET A 25 18.35 -13.02 -33.36
CA MET A 25 18.24 -13.50 -31.96
C MET A 25 17.58 -14.87 -31.91
N GLY A 26 16.53 -15.05 -32.70
CA GLY A 26 15.78 -16.31 -32.70
C GLY A 26 16.36 -17.40 -33.55
N ARG A 27 17.45 -17.11 -34.28
CA ARG A 27 18.14 -18.03 -35.21
C ARG A 27 17.13 -18.68 -36.19
N GLY A 28 16.11 -17.90 -36.58
CA GLY A 28 15.05 -18.33 -37.50
C GLY A 28 14.08 -19.37 -36.94
N GLU A 29 13.98 -19.47 -35.60
CA GLU A 29 13.07 -20.41 -34.94
C GLU A 29 12.13 -19.73 -34.00
N GLU A 30 10.90 -20.23 -33.96
CA GLU A 30 9.86 -19.72 -33.07
C GLU A 30 10.21 -20.06 -31.62
N SER A 31 10.69 -21.29 -31.35
CA SER A 31 11.04 -21.74 -29.99
C SER A 31 12.14 -20.87 -29.41
N THR A 32 13.25 -20.67 -30.15
CA THR A 32 14.38 -19.86 -29.69
C THR A 32 13.96 -18.40 -29.44
N THR A 33 13.21 -17.83 -30.39
CA THR A 33 12.69 -16.46 -30.27
C THR A 33 11.85 -16.30 -29.00
N THR A 34 10.82 -17.15 -28.85
CA THR A 34 9.92 -17.06 -27.69
C THR A 34 10.60 -17.33 -26.38
N ASN A 35 11.47 -18.38 -26.30
CA ASN A 35 12.17 -18.69 -25.05
CA ASN A 35 12.17 -18.69 -25.04
C ASN A 35 12.98 -17.48 -24.59
N TYR A 36 13.66 -16.79 -25.52
CA TYR A 36 14.44 -15.60 -25.17
C TYR A 36 13.56 -14.56 -24.48
N LEU A 37 12.41 -14.25 -25.11
CA LEU A 37 11.50 -13.23 -24.61
C LEU A 37 10.77 -13.61 -23.32
N ILE A 38 10.32 -14.85 -23.23
CA ILE A 38 9.67 -15.37 -22.01
C ILE A 38 10.62 -15.20 -20.81
N GLU A 39 11.89 -15.64 -20.96
CA GLU A 39 12.86 -15.57 -19.86
C GLU A 39 13.21 -14.15 -19.52
N LEU A 40 13.44 -13.29 -20.52
CA LEU A 40 13.74 -11.87 -20.29
C LEU A 40 12.58 -11.22 -19.52
N ILE A 41 11.33 -11.36 -20.01
CA ILE A 41 10.17 -10.74 -19.36
C ILE A 41 10.02 -11.21 -17.91
N ASP A 42 10.23 -12.50 -17.67
CA ASP A 42 10.13 -13.07 -16.33
C ASP A 42 11.19 -12.45 -15.39
N ARG A 43 12.44 -12.27 -15.87
CA ARG A 43 13.49 -11.64 -15.04
C ARG A 43 13.15 -10.17 -14.74
N VAL A 44 12.59 -9.46 -15.73
CA VAL A 44 12.16 -8.07 -15.56
C VAL A 44 11.02 -8.03 -14.55
N ASP A 45 10.09 -8.98 -14.65
CA ASP A 45 8.94 -9.12 -13.74
C ASP A 45 9.45 -9.31 -12.29
N ASP A 46 10.54 -10.07 -12.08
CA ASP A 46 11.13 -10.21 -10.73
C ASP A 46 11.55 -8.85 -10.16
N ILE A 47 12.11 -7.96 -10.99
CA ILE A 47 12.52 -6.63 -10.48
C ILE A 47 11.26 -5.88 -10.05
N TYR A 48 10.27 -5.80 -10.95
CA TYR A 48 9.03 -5.06 -10.66
C TYR A 48 8.24 -5.65 -9.48
N ARG A 49 7.89 -6.93 -9.56
CA ARG A 49 7.05 -7.61 -8.57
C ARG A 49 7.58 -7.52 -7.14
N ASN A 50 8.92 -7.55 -6.98
CA ASN A 50 9.56 -7.44 -5.66
C ASN A 50 9.75 -6.01 -5.18
N THR A 51 9.45 -5.02 -6.03
CA THR A 51 9.62 -3.62 -5.62
C THR A 51 8.47 -3.14 -4.75
N ALA A 52 8.79 -2.55 -3.58
CA ALA A 52 7.78 -1.94 -2.72
C ALA A 52 7.78 -0.46 -3.13
N TRP A 53 6.77 -0.07 -3.94
CA TRP A 53 6.68 1.29 -4.52
C TRP A 53 6.59 2.42 -3.47
N ASP A 54 5.98 2.11 -2.33
CA ASP A 54 5.84 3.06 -1.20
C ASP A 54 6.84 2.73 -0.06
N ASN A 55 7.80 1.82 -0.31
CA ASN A 55 8.78 1.32 0.67
C ASN A 55 8.10 0.58 1.84
N ALA A 56 6.91 0.05 1.61
CA ALA A 56 6.18 -0.70 2.62
C ALA A 56 5.49 -1.92 1.98
N GLY A 57 4.17 -1.95 1.95
CA GLY A 57 3.44 -3.09 1.43
C GLY A 57 2.87 -2.94 0.04
N PHE A 58 3.13 -1.80 -0.65
CA PHE A 58 2.59 -1.61 -1.99
C PHE A 58 3.55 -2.27 -2.99
N LYS A 59 3.44 -3.59 -3.06
CA LYS A 59 4.29 -4.44 -3.89
C LYS A 59 3.46 -5.54 -4.53
N GLY A 60 4.12 -6.37 -5.34
CA GLY A 60 3.43 -7.45 -6.04
C GLY A 60 2.94 -7.02 -7.39
N TYR A 61 3.31 -5.79 -7.83
CA TYR A 61 2.92 -5.24 -9.14
C TYR A 61 3.94 -5.61 -10.19
N GLY A 62 3.49 -6.16 -11.29
CA GLY A 62 4.44 -6.58 -12.30
C GLY A 62 3.87 -6.68 -13.68
N ILE A 63 4.52 -7.52 -14.48
CA ILE A 63 4.21 -7.67 -15.89
C ILE A 63 4.15 -9.12 -16.30
N GLN A 64 3.29 -9.43 -17.25
CA GLN A 64 3.22 -10.79 -17.77
C GLN A 64 2.92 -10.71 -19.24
N ILE A 65 3.39 -11.69 -20.01
CA ILE A 65 3.13 -11.72 -21.46
C ILE A 65 1.73 -12.30 -21.72
N GLU A 66 0.90 -11.56 -22.49
CA GLU A 66 -0.42 -12.02 -22.94
C GLU A 66 -0.26 -12.74 -24.30
N GLN A 67 0.58 -12.20 -25.17
CA GLN A 67 0.80 -12.75 -26.51
C GLN A 67 2.16 -12.35 -27.01
N ILE A 68 2.80 -13.27 -27.75
CA ILE A 68 4.04 -12.98 -28.47
C ILE A 68 3.72 -13.07 -29.96
N ARG A 69 3.79 -11.95 -30.66
CA ARG A 69 3.63 -11.94 -32.11
C ARG A 69 5.04 -12.15 -32.67
N ILE A 70 5.19 -13.09 -33.61
CA ILE A 70 6.50 -13.40 -34.20
C ILE A 70 6.41 -13.10 -35.71
N LEU A 71 7.17 -12.11 -36.16
CA LEU A 71 7.15 -11.73 -37.59
C LEU A 71 8.32 -12.38 -38.25
N LYS A 72 8.07 -13.51 -38.92
CA LYS A 72 9.10 -14.34 -39.52
C LYS A 72 9.81 -13.72 -40.73
N SER A 73 9.12 -12.85 -41.45
CA SER A 73 9.68 -12.24 -42.64
C SER A 73 9.39 -10.74 -42.69
N PRO A 74 10.13 -9.98 -43.53
CA PRO A 74 9.83 -8.54 -43.63
C PRO A 74 8.44 -8.27 -44.17
N GLN A 75 7.86 -7.13 -43.76
CA GLN A 75 6.55 -6.70 -44.22
C GLN A 75 6.71 -6.11 -45.61
N GLU A 76 5.97 -6.68 -46.58
CA GLU A 76 5.90 -6.17 -47.96
C GLU A 76 5.17 -4.83 -47.90
N VAL A 77 5.81 -3.79 -48.43
CA VAL A 77 5.26 -2.43 -48.46
C VAL A 77 5.13 -1.94 -49.91
N LYS A 78 4.14 -1.07 -50.17
CA LYS A 78 3.90 -0.44 -51.50
C LYS A 78 4.87 0.78 -51.61
N PRO A 79 5.15 1.35 -52.82
CA PRO A 79 6.06 2.51 -52.86
C PRO A 79 5.54 3.68 -52.04
N GLY A 80 6.44 4.30 -51.26
CA GLY A 80 6.12 5.41 -50.37
C GLY A 80 5.50 5.01 -49.04
N GLU A 81 5.15 3.71 -48.88
CA GLU A 81 4.56 3.16 -47.66
C GLU A 81 5.66 2.64 -46.73
N LYS A 82 5.48 2.84 -45.43
CA LYS A 82 6.43 2.33 -44.45
C LYS A 82 5.70 1.49 -43.43
N HIS A 83 6.45 0.60 -42.78
CA HIS A 83 5.91 -0.31 -41.76
C HIS A 83 7.07 -0.64 -40.84
N TYR A 84 6.82 -0.78 -39.52
CA TYR A 84 7.95 -1.06 -38.60
C TYR A 84 8.73 -2.35 -38.93
N ASN A 85 8.06 -3.31 -39.56
CA ASN A 85 8.63 -4.60 -39.90
C ASN A 85 9.09 -4.70 -41.36
N MET A 86 9.15 -3.56 -42.08
CA MET A 86 9.63 -3.62 -43.47
C MET A 86 11.13 -3.96 -43.48
N ALA A 87 11.64 -4.43 -44.64
CA ALA A 87 13.05 -4.82 -44.78
C ALA A 87 14.02 -3.66 -44.58
N LYS A 88 13.71 -2.52 -45.18
CA LYS A 88 14.60 -1.36 -45.13
C LYS A 88 14.50 -0.53 -43.86
N SER A 89 15.61 0.11 -43.49
CA SER A 89 15.68 1.04 -42.37
C SER A 89 15.13 2.36 -42.91
N TYR A 90 14.59 3.19 -42.02
CA TYR A 90 13.99 4.48 -42.33
C TYR A 90 14.41 5.54 -41.30
N PRO A 91 14.79 6.78 -41.69
CA PRO A 91 14.81 7.38 -43.05
C PRO A 91 15.97 7.01 -43.96
N ASN A 92 17.07 6.49 -43.39
CA ASN A 92 18.24 6.14 -44.19
C ASN A 92 18.40 4.62 -44.38
N GLU A 93 18.16 4.14 -45.62
CA GLU A 93 18.27 2.72 -45.99
C GLU A 93 19.72 2.24 -45.96
N GLU A 94 20.70 3.17 -46.07
CA GLU A 94 22.11 2.81 -46.05
C GLU A 94 22.60 2.48 -44.62
N LYS A 95 21.78 2.83 -43.60
CA LYS A 95 22.07 2.59 -42.19
C LYS A 95 21.50 1.25 -41.74
N ASP A 96 22.15 0.62 -40.76
CA ASP A 96 21.70 -0.65 -40.19
C ASP A 96 20.32 -0.50 -39.51
N ALA A 97 20.06 0.69 -38.95
CA ALA A 97 18.87 0.99 -38.14
C ALA A 97 18.03 2.18 -38.57
N TRP A 98 16.77 2.18 -38.10
CA TRP A 98 15.84 3.29 -38.19
C TRP A 98 16.33 4.41 -37.25
N ASP A 99 15.79 5.63 -37.44
CA ASP A 99 15.92 6.69 -36.47
C ASP A 99 14.98 6.15 -35.35
N VAL A 100 15.50 6.00 -34.13
CA VAL A 100 14.72 5.35 -33.03
C VAL A 100 13.33 5.96 -32.74
N LYS A 101 13.23 7.32 -32.74
CA LYS A 101 11.95 7.99 -32.48
C LYS A 101 10.93 7.67 -33.58
N MET A 102 11.35 7.72 -34.86
CA MET A 102 10.47 7.40 -35.97
C MET A 102 10.02 5.94 -35.89
N LEU A 103 10.91 5.04 -35.44
CA LEU A 103 10.54 3.63 -35.30
C LEU A 103 9.45 3.43 -34.24
N LEU A 104 9.61 4.06 -33.08
CA LEU A 104 8.64 3.93 -32.00
C LEU A 104 7.27 4.47 -32.46
N GLU A 105 7.28 5.61 -33.18
CA GLU A 105 6.07 6.21 -33.76
C GLU A 105 5.42 5.25 -34.78
N GLN A 106 6.21 4.67 -35.69
CA GLN A 106 5.71 3.73 -36.71
C GLN A 106 5.13 2.46 -36.07
N PHE A 107 5.84 1.88 -35.09
CA PHE A 107 5.38 0.70 -34.38
C PHE A 107 3.99 1.01 -33.76
N SER A 108 3.91 2.12 -33.01
CA SER A 108 2.66 2.55 -32.38
C SER A 108 1.54 2.71 -33.40
N PHE A 109 1.86 3.27 -34.58
CA PHE A 109 0.85 3.41 -35.65
C PHE A 109 0.39 2.02 -36.14
N ASP A 110 1.34 1.16 -36.53
CA ASP A 110 1.03 -0.16 -37.06
C ASP A 110 0.33 -1.10 -36.11
N ILE A 111 0.65 -1.02 -34.81
CA ILE A 111 0.14 -1.91 -33.78
C ILE A 111 -1.10 -1.34 -33.05
N ALA A 112 -1.59 -0.16 -33.47
CA ALA A 112 -2.70 0.54 -32.80
C ALA A 112 -3.90 -0.33 -32.39
N GLU A 113 -4.48 -1.10 -33.33
CA GLU A 113 -5.64 -1.95 -33.02
C GLU A 113 -5.35 -2.96 -31.88
N GLU A 114 -4.22 -3.65 -31.99
CA GLU A 114 -3.82 -4.64 -30.97
C GLU A 114 -3.46 -3.94 -29.63
N ALA A 115 -2.76 -2.77 -29.71
CA ALA A 115 -2.34 -2.01 -28.53
C ALA A 115 -3.53 -1.52 -27.71
N SER A 116 -4.66 -1.24 -28.39
CA SER A 116 -5.87 -0.79 -27.68
C SER A 116 -6.43 -1.83 -26.70
N LYS A 117 -6.06 -3.10 -26.86
CA LYS A 117 -6.56 -4.24 -26.05
C LYS A 117 -5.64 -4.72 -24.94
N VAL A 118 -4.47 -4.08 -24.77
CA VAL A 118 -3.47 -4.51 -23.76
C VAL A 118 -2.95 -3.35 -22.93
N CYS A 119 -2.32 -3.67 -21.78
CA CYS A 119 -1.75 -2.64 -20.93
C CYS A 119 -0.59 -1.96 -21.64
N LEU A 120 0.32 -2.77 -22.26
CA LEU A 120 1.46 -2.25 -23.00
C LEU A 120 1.76 -3.17 -24.17
N ALA A 121 2.31 -2.59 -25.24
CA ALA A 121 2.84 -3.34 -26.38
C ALA A 121 4.35 -3.00 -26.38
N HIS A 122 5.20 -4.00 -26.61
CA HIS A 122 6.65 -3.78 -26.64
C HIS A 122 7.25 -4.49 -27.85
N LEU A 123 8.02 -3.74 -28.63
CA LEU A 123 8.71 -4.23 -29.81
C LEU A 123 10.14 -4.67 -29.43
N PHE A 124 10.52 -5.88 -29.84
CA PHE A 124 11.89 -6.37 -29.70
C PHE A 124 12.46 -6.46 -31.10
N THR A 125 13.57 -5.76 -31.32
CA THR A 125 14.21 -5.73 -32.65
C THR A 125 15.72 -6.00 -32.52
N TYR A 126 16.40 -5.98 -33.67
CA TYR A 126 17.83 -6.21 -33.74
C TYR A 126 18.40 -5.23 -34.75
N GLN A 127 18.68 -4.02 -34.28
CA GLN A 127 19.22 -2.94 -35.11
C GLN A 127 20.10 -1.98 -34.32
N ASP A 128 21.17 -1.54 -34.97
CA ASP A 128 22.19 -0.74 -34.30
C ASP A 128 21.90 0.74 -34.34
N PHE A 129 21.08 1.22 -33.38
CA PHE A 129 20.72 2.64 -33.31
C PHE A 129 21.93 3.51 -33.06
N ASP A 130 21.91 4.71 -33.61
CA ASP A 130 23.01 5.66 -33.48
C ASP A 130 23.31 6.05 -32.05
N MET A 131 24.61 6.30 -31.76
CA MET A 131 25.12 6.81 -30.50
C MET A 131 24.81 5.97 -29.26
N GLY A 132 24.81 4.64 -29.44
CA GLY A 132 24.60 3.69 -28.36
C GLY A 132 23.20 3.58 -27.78
N THR A 133 22.17 4.13 -28.46
CA THR A 133 20.78 4.01 -27.98
C THR A 133 20.36 2.54 -28.11
N LEU A 134 19.69 2.03 -27.08
CA LEU A 134 19.25 0.65 -27.03
C LEU A 134 17.73 0.48 -27.05
N GLY A 135 17.02 1.51 -26.61
CA GLY A 135 15.56 1.45 -26.59
C GLY A 135 14.90 2.80 -26.48
N LEU A 136 13.56 2.80 -26.52
CA LEU A 136 12.74 4.02 -26.42
C LEU A 136 11.34 3.68 -26.01
N ALA A 137 10.66 4.59 -25.27
CA ALA A 137 9.31 4.31 -24.79
C ALA A 137 8.58 5.61 -24.52
N TYR A 138 7.25 5.54 -24.47
CA TYR A 138 6.44 6.71 -24.09
C TYR A 138 6.19 6.65 -22.57
N GLY A 139 6.04 7.82 -21.96
CA GLY A 139 5.79 7.94 -20.53
C GLY A 139 7.04 8.42 -19.82
N GLY A 140 6.87 8.99 -18.64
CA GLY A 140 7.98 9.50 -17.84
C GLY A 140 8.98 10.34 -18.63
N SER A 141 8.46 11.32 -19.37
CA SER A 141 9.25 12.26 -20.17
C SER A 141 9.10 13.66 -19.54
N PRO A 142 10.17 14.49 -19.48
CA PRO A 142 10.02 15.81 -18.88
C PRO A 142 9.54 16.89 -19.86
N HIS A 147 2.88 12.66 -23.53
CA HIS A 147 2.32 11.68 -22.62
C HIS A 147 2.60 10.25 -23.09
N GLY A 148 1.82 9.29 -22.59
CA GLY A 148 1.96 7.88 -22.92
C GLY A 148 2.28 7.03 -21.71
N GLY A 149 2.48 5.74 -21.98
CA GLY A 149 2.79 4.76 -20.93
C GLY A 149 1.68 3.77 -20.72
N VAL A 150 1.66 3.11 -19.53
CA VAL A 150 0.68 2.07 -19.19
C VAL A 150 -0.77 2.48 -19.46
N CYS A 151 -1.54 1.55 -20.10
CA CYS A 151 -2.96 1.66 -20.46
C CYS A 151 -3.13 2.47 -21.72
N PRO A 152 -3.84 1.90 -22.72
CA PRO A 152 -3.95 2.61 -24.00
C PRO A 152 -4.69 3.93 -23.83
N LYS A 153 -4.04 4.99 -24.24
CA LYS A 153 -4.62 6.33 -24.22
C LYS A 153 -4.55 6.81 -25.68
N ALA A 154 -5.71 7.09 -26.25
CA ALA A 154 -5.75 7.50 -27.67
C ALA A 154 -5.03 8.84 -27.94
N TYR A 155 -4.43 8.94 -29.10
CA TYR A 155 -3.81 10.15 -29.64
C TYR A 155 -4.21 10.16 -31.10
N TYR A 156 -4.94 11.19 -31.53
CA TYR A 156 -5.27 11.24 -32.94
C TYR A 156 -4.07 11.75 -33.71
N SER A 157 -3.60 10.94 -34.64
CA SER A 157 -2.42 11.25 -35.46
C SER A 157 -2.87 12.01 -36.71
N PRO A 158 -2.61 13.34 -36.82
CA PRO A 158 -3.02 14.08 -38.03
C PRO A 158 -2.34 13.53 -39.30
N VAL A 159 -1.05 13.11 -39.17
CA VAL A 159 -0.27 12.50 -40.26
C VAL A 159 -0.85 11.11 -40.60
N GLY A 160 -0.97 10.24 -39.58
CA GLY A 160 -1.48 8.90 -39.76
C GLY A 160 -2.97 8.79 -40.08
N LYS A 161 -3.77 9.85 -39.81
CA LYS A 161 -5.22 9.89 -40.05
C LYS A 161 -6.07 8.86 -39.24
N LYS A 162 -5.59 8.48 -38.03
CA LYS A 162 -6.30 7.52 -37.16
C LYS A 162 -5.79 7.66 -35.74
N ASN A 163 -6.45 6.99 -34.79
CA ASN A 163 -5.99 7.02 -33.43
C ASN A 163 -4.89 6.01 -33.28
N ILE A 164 -3.88 6.41 -32.55
CA ILE A 164 -2.78 5.54 -32.16
C ILE A 164 -2.77 5.55 -30.64
N TYR A 165 -2.12 4.55 -30.02
CA TYR A 165 -2.10 4.49 -28.55
C TYR A 165 -0.65 4.57 -28.12
N LEU A 166 -0.37 5.32 -27.08
CA LEU A 166 1.01 5.57 -26.68
C LEU A 166 1.49 4.64 -25.53
N ASN A 167 0.85 3.47 -25.40
CA ASN A 167 1.20 2.44 -24.41
C ASN A 167 2.27 1.49 -25.05
N SER A 168 3.38 2.09 -25.50
CA SER A 168 4.39 1.37 -26.25
C SER A 168 5.83 1.69 -25.94
N GLY A 169 6.69 0.76 -26.30
CA GLY A 169 8.13 0.90 -26.12
C GLY A 169 8.83 -0.11 -27.01
N LEU A 170 10.15 0.01 -27.10
CA LEU A 170 10.94 -0.94 -27.88
C LEU A 170 12.28 -1.16 -27.24
N THR A 171 12.87 -2.34 -27.53
CA THR A 171 14.20 -2.74 -27.11
C THR A 171 14.92 -3.32 -28.33
N SER A 172 16.18 -2.93 -28.55
CA SER A 172 17.05 -3.58 -29.52
C SER A 172 18.14 -4.33 -28.73
N THR A 173 18.47 -5.55 -29.17
CA THR A 173 19.51 -6.36 -28.52
C THR A 173 20.80 -6.32 -29.35
N LYS A 174 20.89 -5.31 -30.24
CA LYS A 174 22.13 -5.09 -31.01
C LYS A 174 22.67 -3.71 -30.65
N ASN A 175 24.01 -3.61 -30.42
CA ASN A 175 24.69 -2.33 -30.14
C ASN A 175 26.16 -2.46 -30.52
N TYR A 176 26.63 -1.48 -31.30
CA TYR A 176 28.03 -1.49 -31.80
C TYR A 176 28.43 -2.80 -32.50
N GLY A 177 27.59 -3.22 -33.46
CA GLY A 177 27.80 -4.39 -34.29
C GLY A 177 27.77 -5.74 -33.61
N LYS A 178 27.25 -5.82 -32.37
CA LYS A 178 27.18 -7.11 -31.72
C LYS A 178 25.95 -7.27 -30.84
N THR A 179 25.60 -8.52 -30.56
CA THR A 179 24.49 -8.82 -29.67
C THR A 179 24.90 -8.42 -28.26
N ILE A 180 24.03 -7.69 -27.56
CA ILE A 180 24.29 -7.28 -26.19
C ILE A 180 24.15 -8.50 -25.26
N LEU A 181 24.75 -8.41 -24.05
CA LEU A 181 24.66 -9.47 -23.05
C LEU A 181 23.20 -9.58 -22.61
N THR A 182 22.74 -10.77 -22.21
CA THR A 182 21.37 -10.86 -21.71
C THR A 182 21.20 -9.97 -20.46
N LYS A 183 22.24 -9.89 -19.59
CA LYS A 183 22.12 -9.02 -18.40
C LYS A 183 21.93 -7.53 -18.80
N GLU A 184 22.50 -7.12 -19.95
CA GLU A 184 22.33 -5.77 -20.51
C GLU A 184 20.91 -5.63 -21.08
N ALA A 185 20.46 -6.62 -21.89
CA ALA A 185 19.11 -6.60 -22.48
C ALA A 185 17.99 -6.48 -21.43
N ASP A 186 18.11 -7.22 -20.33
CA ASP A 186 17.10 -7.19 -19.24
C ASP A 186 16.96 -5.77 -18.71
N LEU A 187 18.09 -5.07 -18.57
CA LEU A 187 18.10 -3.70 -18.04
C LEU A 187 17.51 -2.69 -19.03
N VAL A 188 17.71 -2.89 -20.34
CA VAL A 188 17.14 -2.03 -21.38
C VAL A 188 15.62 -2.12 -21.25
N THR A 189 15.08 -3.34 -21.29
CA THR A 189 13.64 -3.52 -21.16
C THR A 189 13.11 -2.98 -19.83
N THR A 190 13.85 -3.18 -18.72
CA THR A 190 13.44 -2.66 -17.41
C THR A 190 13.31 -1.12 -17.48
N HIS A 191 14.33 -0.48 -18.03
CA HIS A 191 14.42 0.97 -18.24
C HIS A 191 13.24 1.50 -19.12
N GLU A 192 12.95 0.82 -20.26
CA GLU A 192 11.86 1.22 -21.17
C GLU A 192 10.50 1.05 -20.51
N LEU A 193 10.27 -0.10 -19.84
CA LEU A 193 9.00 -0.27 -19.12
C LEU A 193 8.93 0.72 -17.94
N GLY A 194 10.08 1.13 -17.41
CA GLY A 194 10.19 2.09 -16.32
C GLY A 194 9.59 3.41 -16.74
N HIS A 195 9.99 3.87 -17.95
CA HIS A 195 9.39 5.06 -18.60
C HIS A 195 7.88 4.84 -18.76
N ASN A 196 7.43 3.67 -19.28
CA ASN A 196 6.01 3.34 -19.45
C ASN A 196 5.25 3.45 -18.14
N PHE A 197 5.91 3.03 -17.05
CA PHE A 197 5.34 3.06 -15.70
C PHE A 197 5.37 4.46 -15.05
N GLY A 198 5.90 5.44 -15.75
CA GLY A 198 5.90 6.84 -15.30
C GLY A 198 7.19 7.39 -14.75
N ALA A 199 8.26 6.58 -14.69
CA ALA A 199 9.55 7.05 -14.18
C ALA A 199 10.30 7.91 -15.21
N GLU A 200 10.87 9.01 -14.71
CA GLU A 200 11.73 9.85 -15.54
C GLU A 200 13.16 9.42 -15.21
N HIS A 201 14.17 9.96 -15.91
CA HIS A 201 15.57 9.62 -15.62
C HIS A 201 15.97 10.10 -14.23
N ASP A 202 16.90 9.35 -13.58
CA ASP A 202 17.44 9.73 -12.29
C ASP A 202 18.38 10.91 -12.55
N PRO A 203 18.20 12.05 -11.84
CA PRO A 203 19.08 13.19 -12.09
C PRO A 203 20.34 13.14 -11.21
N ASP A 204 21.51 13.58 -11.75
CA ASP A 204 22.79 13.62 -11.01
C ASP A 204 22.67 14.39 -9.69
N GLY A 205 21.95 15.51 -9.73
CA GLY A 205 21.71 16.38 -8.59
C GLY A 205 21.02 15.80 -7.38
N LEU A 206 20.54 14.55 -7.45
CA LEU A 206 19.94 13.90 -6.28
C LEU A 206 20.74 12.66 -5.98
N ALA A 207 21.75 12.78 -5.08
CA ALA A 207 22.68 11.71 -4.70
C ALA A 207 21.93 10.41 -4.33
N GLU A 208 20.80 10.54 -3.63
CA GLU A 208 19.95 9.42 -3.21
C GLU A 208 19.56 8.58 -4.45
N CYS A 209 19.30 9.25 -5.58
CA CYS A 209 18.86 8.61 -6.82
C CYS A 209 19.92 8.28 -7.84
N ALA A 210 21.15 8.78 -7.63
CA ALA A 210 22.24 8.48 -8.54
C ALA A 210 23.53 8.24 -7.71
N PRO A 211 23.62 7.10 -6.99
CA PRO A 211 24.81 6.85 -6.15
C PRO A 211 26.12 6.59 -6.88
N ASN A 212 27.25 6.79 -6.16
CA ASN A 212 28.60 6.56 -6.68
C ASN A 212 28.85 5.06 -6.79
N GLU A 213 29.84 4.63 -7.61
CA GLU A 213 30.14 3.20 -7.81
C GLU A 213 30.38 2.47 -6.49
N ASP A 214 31.19 3.07 -5.61
CA ASP A 214 31.53 2.55 -4.28
C ASP A 214 30.28 2.37 -3.38
N GLN A 215 29.18 3.05 -3.72
CA GLN A 215 27.90 3.03 -3.02
C GLN A 215 26.85 2.07 -3.65
N GLY A 216 27.27 1.27 -4.63
CA GLY A 216 26.39 0.32 -5.31
C GLY A 216 26.03 0.72 -6.72
N GLY A 217 26.48 1.90 -7.15
CA GLY A 217 26.25 2.39 -8.51
C GLY A 217 24.90 2.99 -8.77
N LYS A 218 24.63 3.26 -10.05
CA LYS A 218 23.41 3.93 -10.50
C LYS A 218 22.23 2.96 -10.50
N TYR A 219 21.02 3.52 -10.44
CA TYR A 219 19.78 2.75 -10.55
C TYR A 219 19.41 2.63 -12.05
N VAL A 220 18.39 1.80 -12.34
CA VAL A 220 18.03 1.48 -13.71
C VAL A 220 17.58 2.66 -14.60
N MET A 221 16.99 3.69 -14.00
CA MET A 221 16.51 4.89 -14.70
C MET A 221 17.57 5.94 -14.95
N TYR A 222 18.85 5.61 -14.69
CA TYR A 222 19.94 6.54 -15.00
C TYR A 222 20.02 6.73 -16.53
N PRO A 223 20.27 7.96 -17.07
CA PRO A 223 20.20 8.12 -18.55
C PRO A 223 21.27 7.42 -19.37
N ILE A 224 22.42 7.12 -18.74
CA ILE A 224 23.54 6.38 -19.33
C ILE A 224 23.30 4.94 -18.92
N ALA A 225 23.09 4.06 -19.93
CA ALA A 225 22.76 2.65 -19.72
C ALA A 225 23.63 1.94 -18.72
N VAL A 226 23.00 1.48 -17.62
CA VAL A 226 23.65 0.69 -16.59
C VAL A 226 24.07 -0.65 -17.22
N SER A 227 25.26 -1.16 -16.84
CA SER A 227 25.89 -2.41 -17.31
C SER A 227 25.36 -3.69 -16.67
N GLY A 228 24.94 -3.58 -15.40
CA GLY A 228 24.42 -4.71 -14.63
C GLY A 228 25.41 -5.33 -13.67
N ASP A 229 26.64 -4.82 -13.61
CA ASP A 229 27.65 -5.37 -12.70
C ASP A 229 27.62 -4.76 -11.30
N HIS A 230 26.90 -3.63 -11.11
CA HIS A 230 26.74 -2.99 -9.80
C HIS A 230 25.38 -3.34 -9.23
N GLU A 231 25.29 -3.45 -7.90
CA GLU A 231 24.08 -3.85 -7.16
C GLU A 231 22.82 -3.02 -7.48
N ASN A 232 22.95 -1.68 -7.55
CA ASN A 232 21.80 -0.81 -7.80
C ASN A 232 21.25 -0.85 -9.23
N ASN A 233 22.06 -1.31 -10.19
CA ASN A 233 21.75 -1.33 -11.62
C ASN A 233 20.41 -1.97 -11.97
N LYS A 234 20.05 -3.06 -11.26
CA LYS A 234 18.83 -3.85 -11.46
C LYS A 234 17.66 -3.35 -10.58
N MET A 235 17.83 -2.21 -9.90
CA MET A 235 16.80 -1.72 -9.00
C MET A 235 16.34 -0.32 -9.42
N PHE A 236 15.16 0.06 -8.93
CA PHE A 236 14.60 1.39 -9.11
C PHE A 236 15.03 2.26 -7.91
N SER A 237 15.42 3.50 -8.21
CA SER A 237 15.77 4.52 -7.22
C SER A 237 14.50 4.95 -6.47
N GLN A 238 14.68 5.72 -5.37
CA GLN A 238 13.54 6.29 -4.65
C GLN A 238 12.80 7.31 -5.56
N CYS A 239 13.52 8.01 -6.48
CA CYS A 239 12.91 8.94 -7.44
C CYS A 239 11.96 8.18 -8.36
N SER A 240 12.44 7.05 -8.91
CA SER A 240 11.62 6.20 -9.78
C SER A 240 10.43 5.62 -9.02
N LYS A 241 10.67 5.11 -7.80
CA LYS A 241 9.58 4.56 -6.98
C LYS A 241 8.46 5.59 -6.75
N GLN A 242 8.80 6.86 -6.42
CA GLN A 242 7.79 7.91 -6.17
C GLN A 242 6.92 8.14 -7.43
N SER A 243 7.55 8.24 -8.60
CA SER A 243 6.86 8.44 -9.88
C SER A 243 5.98 7.26 -10.25
N ILE A 244 6.52 6.04 -10.15
CA ILE A 244 5.81 4.81 -10.51
C ILE A 244 4.67 4.54 -9.53
N TYR A 245 4.89 4.85 -8.24
CA TYR A 245 3.87 4.67 -7.21
C TYR A 245 2.62 5.46 -7.61
N LYS A 246 2.79 6.75 -7.95
CA LYS A 246 1.69 7.61 -8.38
C LYS A 246 0.98 7.06 -9.64
N THR A 247 1.77 6.58 -10.61
CA THR A 247 1.22 6.00 -11.86
C THR A 247 0.38 4.78 -11.58
N ILE A 248 0.91 3.83 -10.76
CA ILE A 248 0.20 2.61 -10.42
C ILE A 248 -1.11 2.95 -9.72
N GLU A 249 -1.07 3.87 -8.74
CA GLU A 249 -2.26 4.30 -7.99
C GLU A 249 -3.37 4.82 -8.93
N SER A 250 -2.97 5.53 -9.97
CA SER A 250 -3.84 6.12 -10.98
C SER A 250 -4.31 5.11 -12.04
N LYS A 251 -3.41 4.22 -12.49
CA LYS A 251 -3.59 3.31 -13.64
C LYS A 251 -4.00 1.87 -13.41
N ALA A 252 -3.70 1.27 -12.23
CA ALA A 252 -4.02 -0.14 -12.00
C ALA A 252 -5.49 -0.49 -12.21
N GLN A 253 -6.41 0.34 -11.68
CA GLN A 253 -7.84 0.09 -11.86
C GLN A 253 -8.25 0.19 -13.33
N GLU A 254 -7.60 1.08 -14.08
CA GLU A 254 -7.91 1.27 -15.50
C GLU A 254 -7.56 0.08 -16.40
N CYS A 255 -6.34 -0.48 -16.30
CA CYS A 255 -6.01 -1.57 -17.22
C CYS A 255 -5.23 -2.76 -16.64
N PHE A 256 -4.86 -2.74 -15.35
CA PHE A 256 -4.15 -3.89 -14.79
C PHE A 256 -5.10 -5.07 -14.55
N GLN A 257 -4.57 -6.29 -14.59
CA GLN A 257 -5.36 -7.50 -14.45
C GLN A 257 -4.76 -8.37 -13.35
N GLU A 258 -5.40 -9.51 -13.09
CA GLU A 258 -4.93 -10.47 -12.09
C GLU A 258 -3.72 -11.22 -12.64
N ARG A 259 -2.75 -11.51 -11.76
CA ARG A 259 -1.57 -12.30 -12.13
C ARG A 259 -2.02 -13.73 -12.49
N SER A 260 -1.52 -14.26 -13.62
CA SER A 260 -1.82 -15.63 -14.04
C SER A 260 -0.89 -16.62 -13.35
N PRO B 6 -22.12 -4.22 42.82
CA PRO B 6 -21.79 -5.63 43.08
C PRO B 6 -22.17 -6.53 41.89
N MET B 7 -23.48 -6.66 41.60
CA MET B 7 -24.02 -7.45 40.49
C MET B 7 -23.70 -6.78 39.15
N LYS B 8 -23.76 -5.44 39.12
CA LYS B 8 -23.50 -4.60 37.93
C LYS B 8 -21.98 -4.37 37.87
N ASN B 9 -21.26 -5.40 37.40
CA ASN B 9 -19.80 -5.39 37.34
C ASN B 9 -19.19 -5.45 35.94
N THR B 10 -20.03 -5.39 34.90
CA THR B 10 -19.60 -5.55 33.51
C THR B 10 -19.97 -4.40 32.60
N CYS B 11 -18.96 -3.89 31.88
CA CYS B 11 -19.18 -2.90 30.86
C CYS B 11 -19.31 -3.66 29.54
N LYS B 12 -20.55 -3.73 28.99
CA LYS B 12 -20.81 -4.40 27.72
C LYS B 12 -20.28 -3.56 26.57
N LEU B 13 -19.63 -4.23 25.62
CA LEU B 13 -19.03 -3.56 24.48
C LEU B 13 -19.65 -3.86 23.14
N LEU B 14 -19.62 -2.84 22.27
CA LEU B 14 -19.89 -2.99 20.85
C LEU B 14 -18.47 -2.98 20.24
N VAL B 15 -18.08 -4.06 19.58
CA VAL B 15 -16.75 -4.18 18.98
C VAL B 15 -16.91 -4.14 17.48
N VAL B 16 -16.20 -3.21 16.82
CA VAL B 16 -16.26 -3.07 15.37
C VAL B 16 -14.89 -3.31 14.75
N ALA B 17 -14.80 -4.22 13.75
CA ALA B 17 -13.56 -4.41 13.00
C ALA B 17 -13.81 -3.80 11.65
N ASP B 18 -13.01 -2.80 11.26
CA ASP B 18 -13.20 -2.19 9.94
C ASP B 18 -12.61 -3.07 8.84
N HIS B 19 -12.73 -2.65 7.55
CA HIS B 19 -12.20 -3.42 6.42
C HIS B 19 -10.68 -3.60 6.44
N ARG B 20 -9.94 -2.63 7.03
CA ARG B 20 -8.49 -2.67 7.11
C ARG B 20 -8.09 -3.77 8.09
N PHE B 21 -8.78 -3.84 9.24
CA PHE B 21 -8.54 -4.87 10.24
C PHE B 21 -8.91 -6.24 9.66
N TYR B 22 -10.11 -6.33 9.06
CA TYR B 22 -10.62 -7.57 8.47
C TYR B 22 -9.60 -8.15 7.49
N ARG B 23 -9.03 -7.31 6.62
CA ARG B 23 -8.04 -7.71 5.64
C ARG B 23 -6.70 -8.11 6.22
N TYR B 24 -6.03 -7.20 6.94
CA TYR B 24 -4.67 -7.39 7.44
C TYR B 24 -4.48 -8.16 8.71
N MET B 25 -5.53 -8.23 9.55
CA MET B 25 -5.46 -8.97 10.82
C MET B 25 -6.30 -10.23 10.80
N GLY B 26 -7.44 -10.18 10.13
CA GLY B 26 -8.36 -11.31 10.07
C GLY B 26 -8.24 -12.17 8.82
N ARG B 27 -7.23 -11.87 7.97
CA ARG B 27 -6.90 -12.57 6.71
C ARG B 27 -8.08 -12.63 5.73
N GLY B 28 -8.95 -11.64 5.78
CA GLY B 28 -10.14 -11.58 4.96
C GLY B 28 -11.16 -12.64 5.31
N GLU B 29 -11.14 -13.13 6.57
CA GLU B 29 -12.05 -14.17 7.05
C GLU B 29 -12.80 -13.74 8.29
N GLU B 30 -14.12 -13.96 8.28
CA GLU B 30 -15.00 -13.61 9.38
C GLU B 30 -14.64 -14.34 10.67
N SER B 31 -14.42 -15.67 10.58
CA SER B 31 -14.08 -16.52 11.73
C SER B 31 -12.76 -16.05 12.40
N THR B 32 -11.70 -15.83 11.59
CA THR B 32 -10.37 -15.40 12.06
C THR B 32 -10.45 -14.03 12.77
N THR B 33 -11.17 -13.08 12.15
CA THR B 33 -11.35 -11.73 12.72
C THR B 33 -12.08 -11.79 14.05
N THR B 34 -13.22 -12.52 14.09
CA THR B 34 -14.05 -12.72 15.26
C THR B 34 -13.25 -13.34 16.40
N ASN B 35 -12.53 -14.44 16.10
CA ASN B 35 -11.72 -15.16 17.08
C ASN B 35 -10.63 -14.25 17.66
N TYR B 36 -9.95 -13.47 16.83
CA TYR B 36 -8.92 -12.55 17.29
C TYR B 36 -9.48 -11.59 18.35
N LEU B 37 -10.64 -10.97 18.04
CA LEU B 37 -11.30 -10.00 18.92
C LEU B 37 -11.84 -10.63 20.20
N ILE B 38 -12.47 -11.83 20.08
CA ILE B 38 -12.94 -12.53 21.28
C ILE B 38 -11.78 -12.77 22.23
N GLU B 39 -10.66 -13.33 21.72
CA GLU B 39 -9.51 -13.63 22.59
C GLU B 39 -8.86 -12.40 23.18
N LEU B 40 -8.72 -11.34 22.37
CA LEU B 40 -8.12 -10.09 22.85
C LEU B 40 -8.97 -9.51 23.96
N ILE B 41 -10.30 -9.37 23.74
CA ILE B 41 -11.20 -8.84 24.78
C ILE B 41 -11.15 -9.69 26.04
N ASP B 42 -11.11 -11.02 25.87
CA ASP B 42 -11.02 -11.94 27.00
C ASP B 42 -9.75 -11.70 27.82
N ARG B 43 -8.57 -11.49 27.15
CA ARG B 43 -7.29 -11.26 27.85
C ARG B 43 -7.29 -9.87 28.55
N VAL B 44 -7.87 -8.86 27.91
CA VAL B 44 -8.02 -7.51 28.48
C VAL B 44 -8.95 -7.59 29.70
N ASP B 45 -10.05 -8.35 29.57
CA ASP B 45 -10.98 -8.58 30.68
C ASP B 45 -10.25 -9.23 31.86
N ASP B 46 -9.27 -10.16 31.61
CA ASP B 46 -8.49 -10.77 32.67
C ASP B 46 -7.76 -9.72 33.50
N ILE B 47 -7.17 -8.73 32.82
CA ILE B 47 -6.46 -7.63 33.51
C ILE B 47 -7.44 -6.87 34.42
N TYR B 48 -8.57 -6.44 33.85
CA TYR B 48 -9.62 -5.70 34.55
C TYR B 48 -10.17 -6.46 35.76
N ARG B 49 -10.63 -7.70 35.54
CA ARG B 49 -11.24 -8.53 36.61
C ARG B 49 -10.34 -8.74 37.81
N ASN B 50 -9.04 -8.92 37.56
CA ASN B 50 -8.05 -9.16 38.60
C ASN B 50 -7.62 -7.90 39.33
N THR B 51 -8.03 -6.70 38.85
CA THR B 51 -7.64 -5.46 39.48
C THR B 51 -8.54 -5.15 40.68
N ALA B 52 -7.91 -4.92 41.85
CA ALA B 52 -8.62 -4.54 43.07
C ALA B 52 -8.52 -3.03 43.13
N TRP B 53 -9.58 -2.34 42.68
CA TRP B 53 -9.63 -0.89 42.54
C TRP B 53 -9.39 -0.12 43.86
N ASP B 54 -9.74 -0.74 45.00
CA ASP B 54 -9.54 -0.14 46.33
C ASP B 54 -8.36 -0.80 47.09
N ASN B 55 -7.56 -1.66 46.40
CA ASN B 55 -6.45 -2.42 46.98
C ASN B 55 -6.91 -3.46 48.02
N ALA B 56 -8.21 -3.84 47.95
CA ALA B 56 -8.81 -4.79 48.85
C ALA B 56 -9.67 -5.79 48.07
N GLY B 57 -10.99 -5.76 48.28
CA GLY B 57 -11.91 -6.67 47.63
C GLY B 57 -12.81 -6.09 46.58
N PHE B 58 -12.56 -4.83 46.15
CA PHE B 58 -13.38 -4.22 45.11
C PHE B 58 -12.80 -4.64 43.75
N LYS B 59 -12.91 -5.95 43.45
CA LYS B 59 -12.47 -6.57 42.20
C LYS B 59 -13.63 -7.23 41.45
N GLY B 60 -13.34 -7.91 40.34
CA GLY B 60 -14.35 -8.57 39.54
C GLY B 60 -15.05 -7.67 38.54
N TYR B 61 -14.53 -6.43 38.33
CA TYR B 61 -15.10 -5.51 37.35
C TYR B 61 -14.40 -5.70 36.03
N GLY B 62 -15.15 -5.66 34.95
CA GLY B 62 -14.54 -5.85 33.64
C GLY B 62 -15.43 -5.53 32.47
N ILE B 63 -15.14 -6.21 31.37
CA ILE B 63 -15.76 -5.97 30.09
C ILE B 63 -16.25 -7.27 29.47
N GLN B 64 -17.13 -7.15 28.46
CA GLN B 64 -17.65 -8.32 27.76
C GLN B 64 -18.22 -7.84 26.46
N ILE B 65 -17.99 -8.58 25.38
CA ILE B 65 -18.52 -8.25 24.07
C ILE B 65 -20.03 -8.55 24.03
N GLU B 66 -20.83 -7.53 23.67
CA GLU B 66 -22.28 -7.67 23.51
C GLU B 66 -22.57 -7.90 22.03
N GLN B 67 -21.88 -7.15 21.14
CA GLN B 67 -22.01 -7.30 19.70
C GLN B 67 -20.69 -7.09 19.00
N ILE B 68 -20.44 -7.90 17.96
CA ILE B 68 -19.30 -7.78 17.07
C ILE B 68 -19.83 -7.42 15.69
N ARG B 69 -19.28 -6.36 15.09
CA ARG B 69 -19.63 -5.92 13.75
C ARG B 69 -18.36 -5.99 12.90
N ILE B 70 -18.38 -6.82 11.85
CA ILE B 70 -17.23 -7.00 10.95
C ILE B 70 -17.57 -6.36 9.61
N LEU B 71 -16.79 -5.36 9.20
CA LEU B 71 -16.99 -4.64 7.94
C LEU B 71 -16.03 -5.22 6.92
N LYS B 72 -16.56 -6.15 6.10
CA LYS B 72 -15.79 -6.90 5.10
C LYS B 72 -15.21 -6.09 3.97
N SER B 73 -15.83 -4.95 3.63
CA SER B 73 -15.43 -4.14 2.49
C SER B 73 -15.43 -2.65 2.86
N PRO B 74 -14.72 -1.78 2.10
CA PRO B 74 -14.77 -0.34 2.42
C PRO B 74 -16.14 0.25 2.18
N GLN B 75 -16.46 1.32 2.92
CA GLN B 75 -17.71 2.02 2.77
C GLN B 75 -17.63 2.94 1.56
N GLU B 76 -18.62 2.83 0.64
CA GLU B 76 -18.69 3.66 -0.56
C GLU B 76 -19.03 5.10 -0.13
N VAL B 77 -18.24 6.09 -0.62
CA VAL B 77 -18.50 7.50 -0.26
C VAL B 77 -18.70 8.43 -1.44
N LYS B 78 -19.66 9.39 -1.31
CA LYS B 78 -19.92 10.41 -2.34
C LYS B 78 -18.81 11.50 -2.25
N PRO B 79 -18.54 12.34 -3.29
CA PRO B 79 -17.47 13.35 -3.13
C PRO B 79 -17.85 14.34 -2.02
N GLY B 80 -16.88 14.62 -1.14
CA GLY B 80 -17.11 15.48 0.01
C GLY B 80 -17.73 14.76 1.20
N GLU B 81 -17.93 13.43 1.11
CA GLU B 81 -18.48 12.61 2.19
C GLU B 81 -17.39 11.75 2.81
N LYS B 82 -17.42 11.61 4.13
CA LYS B 82 -16.49 10.77 4.88
C LYS B 82 -17.22 9.78 5.77
N HIS B 83 -16.57 8.63 6.05
CA HIS B 83 -17.10 7.55 6.88
C HIS B 83 -15.85 6.85 7.42
N TYR B 84 -15.85 6.41 8.69
CA TYR B 84 -14.67 5.77 9.29
C TYR B 84 -14.18 4.53 8.54
N ASN B 85 -15.12 3.83 7.85
CA ASN B 85 -14.82 2.63 7.09
C ASN B 85 -14.60 2.86 5.56
N MET B 86 -14.48 4.12 5.12
CA MET B 86 -14.19 4.39 3.71
C MET B 86 -12.77 3.91 3.36
N ALA B 87 -12.49 3.69 2.05
CA ALA B 87 -11.18 3.24 1.58
C ALA B 87 -10.04 4.24 1.83
N LYS B 88 -10.27 5.52 1.50
CA LYS B 88 -9.27 6.58 1.61
C LYS B 88 -9.09 7.05 3.06
N SER B 89 -7.89 7.52 3.38
CA SER B 89 -7.58 8.09 4.69
C SER B 89 -8.02 9.57 4.64
N TYR B 90 -8.31 10.16 5.81
CA TYR B 90 -8.75 11.55 5.89
C TYR B 90 -8.01 12.28 7.03
N PRO B 91 -7.52 13.53 6.85
CA PRO B 91 -7.71 14.45 5.71
C PRO B 91 -6.75 14.31 4.54
N ASN B 92 -5.67 13.53 4.72
CA ASN B 92 -4.67 13.35 3.68
C ASN B 92 -4.78 11.97 3.06
N GLU B 93 -5.33 11.93 1.84
CA GLU B 93 -5.53 10.72 1.03
C GLU B 93 -4.21 9.98 0.76
N GLU B 94 -3.08 10.71 0.74
CA GLU B 94 -1.75 10.17 0.47
C GLU B 94 -1.06 9.50 1.69
N LYS B 95 -1.65 9.64 2.90
CA LYS B 95 -1.11 9.01 4.12
C LYS B 95 -1.76 7.65 4.35
N ASP B 96 -1.05 6.76 5.06
CA ASP B 96 -1.58 5.42 5.35
C ASP B 96 -2.79 5.48 6.27
N ALA B 97 -2.80 6.50 7.15
CA ALA B 97 -3.82 6.67 8.16
C ALA B 97 -4.53 8.00 8.17
N TRP B 98 -5.67 8.00 8.83
CA TRP B 98 -6.42 9.21 9.14
C TRP B 98 -5.64 9.97 10.21
N ASP B 99 -6.03 11.24 10.40
CA ASP B 99 -5.60 11.99 11.56
C ASP B 99 -6.42 11.26 12.67
N VAL B 100 -5.75 10.74 13.71
CA VAL B 100 -6.38 9.91 14.73
C VAL B 100 -7.58 10.54 15.47
N LYS B 101 -7.47 11.86 15.83
CA LYS B 101 -8.56 12.55 16.53
C LYS B 101 -9.80 12.62 15.63
N MET B 102 -9.58 12.96 14.36
CA MET B 102 -10.63 13.03 13.35
C MET B 102 -11.28 11.67 13.13
N LEU B 103 -10.48 10.59 13.13
CA LEU B 103 -11.03 9.24 12.96
C LEU B 103 -11.92 8.85 14.15
N LEU B 104 -11.48 9.14 15.39
CA LEU B 104 -12.29 8.79 16.53
C LEU B 104 -13.63 9.55 16.50
N GLU B 105 -13.58 10.83 16.13
CA GLU B 105 -14.82 11.62 16.04
C GLU B 105 -15.75 11.07 14.93
N GLN B 106 -15.19 10.75 13.77
CA GLN B 106 -15.95 10.17 12.66
C GLN B 106 -16.60 8.84 13.08
N PHE B 107 -15.82 7.92 13.68
CA PHE B 107 -16.36 6.66 14.19
C PHE B 107 -17.58 6.90 15.12
N SER B 108 -17.43 7.78 16.14
CA SER B 108 -18.48 8.13 17.10
C SER B 108 -19.75 8.62 16.39
N PHE B 109 -19.58 9.42 15.32
CA PHE B 109 -20.67 9.95 14.49
C PHE B 109 -21.39 8.79 13.80
N ASP B 110 -20.65 8.00 13.00
CA ASP B 110 -21.21 6.88 12.22
C ASP B 110 -21.86 5.79 13.04
N ILE B 111 -21.34 5.51 14.23
CA ILE B 111 -21.81 4.45 15.12
C ILE B 111 -22.79 4.90 16.21
N ALA B 112 -23.12 6.21 16.26
CA ALA B 112 -23.97 6.83 17.28
C ALA B 112 -25.21 6.04 17.72
N GLU B 113 -26.00 5.58 16.74
CA GLU B 113 -27.25 4.82 16.98
C GLU B 113 -26.95 3.53 17.77
N GLU B 114 -25.92 2.78 17.35
CA GLU B 114 -25.48 1.55 18.03
C GLU B 114 -24.80 1.84 19.38
N ALA B 115 -23.95 2.89 19.43
CA ALA B 115 -23.25 3.32 20.65
C ALA B 115 -24.20 3.74 21.79
N SER B 116 -25.40 4.29 21.45
CA SER B 116 -26.38 4.70 22.47
C SER B 116 -26.91 3.56 23.34
N LYS B 117 -26.81 2.33 22.83
CA LYS B 117 -27.35 1.13 23.49
C LYS B 117 -26.31 0.31 24.25
N VAL B 118 -25.02 0.76 24.26
CA VAL B 118 -23.95 0.02 24.96
C VAL B 118 -23.11 0.89 25.89
N CYS B 119 -22.49 0.26 26.92
CA CYS B 119 -21.57 0.91 27.85
C CYS B 119 -20.42 1.56 27.05
N LEU B 120 -19.78 0.80 26.14
CA LEU B 120 -18.72 1.36 25.29
C LEU B 120 -18.73 0.79 23.90
N ALA B 121 -18.26 1.58 22.92
CA ALA B 121 -18.07 1.12 21.54
C ALA B 121 -16.56 1.21 21.26
N HIS B 122 -16.00 0.16 20.64
CA HIS B 122 -14.57 0.17 20.33
C HIS B 122 -14.31 -0.24 18.89
N LEU B 123 -13.52 0.58 18.19
CA LEU B 123 -13.09 0.36 16.81
C LEU B 123 -11.72 -0.31 16.75
N PHE B 124 -11.63 -1.43 15.99
CA PHE B 124 -10.35 -2.07 15.72
C PHE B 124 -9.99 -1.82 14.27
N THR B 125 -8.82 -1.21 14.05
CA THR B 125 -8.38 -0.83 12.71
C THR B 125 -6.94 -1.25 12.45
N TYR B 126 -6.47 -0.98 11.24
CA TYR B 126 -5.11 -1.33 10.84
C TYR B 126 -4.58 -0.15 10.01
N GLN B 127 -4.04 0.86 10.70
CA GLN B 127 -3.56 2.13 10.12
C GLN B 127 -2.37 2.63 10.86
N ASP B 128 -1.40 3.18 10.12
CA ASP B 128 -0.18 3.68 10.73
C ASP B 128 -0.31 5.16 11.09
N PHE B 129 -0.86 5.46 12.29
CA PHE B 129 -1.02 6.84 12.74
C PHE B 129 0.33 7.52 12.95
N ASP B 130 0.38 8.83 12.72
CA ASP B 130 1.59 9.62 12.90
C ASP B 130 2.11 9.56 14.33
N MET B 131 3.44 9.72 14.50
CA MET B 131 4.12 9.82 15.79
C MET B 131 3.99 8.61 16.72
N GLY B 132 3.80 7.43 16.15
CA GLY B 132 3.74 6.20 16.92
C GLY B 132 2.47 6.03 17.74
N THR B 133 1.42 6.84 17.47
CA THR B 133 0.14 6.67 18.17
C THR B 133 -0.46 5.36 17.70
N LEU B 134 -1.04 4.60 18.65
CA LEU B 134 -1.67 3.30 18.38
C LEU B 134 -3.18 3.33 18.63
N GLY B 135 -3.62 4.18 19.55
CA GLY B 135 -5.05 4.23 19.88
C GLY B 135 -5.47 5.58 20.41
N LEU B 136 -6.78 5.74 20.62
CA LEU B 136 -7.35 6.98 21.16
C LEU B 136 -8.71 6.70 21.76
N ALA B 137 -9.09 7.43 22.82
CA ALA B 137 -10.36 7.20 23.49
C ALA B 137 -10.77 8.45 24.24
N TYR B 138 -12.05 8.55 24.58
CA TYR B 138 -12.54 9.69 25.36
C TYR B 138 -12.70 9.27 26.81
N GLY B 139 -12.51 10.22 27.73
CA GLY B 139 -12.74 9.93 29.14
C GLY B 139 -11.66 10.42 30.09
N GLY B 140 -10.43 10.42 29.62
CA GLY B 140 -9.26 10.86 30.38
C GLY B 140 -8.70 12.16 29.83
N ARG B 143 -8.40 16.23 31.22
CA ARG B 143 -8.21 15.75 32.60
C ARG B 143 -8.94 14.43 32.88
N ALA B 144 -8.58 13.75 34.00
CA ALA B 144 -9.22 12.52 34.47
C ALA B 144 -10.70 12.78 34.74
N ASN B 145 -11.56 11.77 34.50
CA ASN B 145 -13.02 11.83 34.69
C ASN B 145 -13.70 13.01 33.94
N SER B 146 -13.28 13.23 32.68
CA SER B 146 -13.84 14.28 31.83
C SER B 146 -15.02 13.71 31.03
N HIS B 147 -15.64 14.55 30.16
CA HIS B 147 -16.76 14.20 29.28
C HIS B 147 -16.40 12.97 28.46
N GLY B 148 -17.35 12.04 28.34
CA GLY B 148 -17.13 10.80 27.61
C GLY B 148 -16.74 9.62 28.47
N GLY B 149 -16.28 8.56 27.81
CA GLY B 149 -15.92 7.34 28.51
C GLY B 149 -17.16 6.47 28.76
N VAL B 150 -17.08 5.58 29.76
CA VAL B 150 -18.16 4.61 30.07
C VAL B 150 -19.55 5.26 30.18
N CYS B 151 -20.57 4.59 29.58
CA CYS B 151 -22.00 4.92 29.58
C CYS B 151 -22.40 5.94 28.53
N PRO B 152 -23.41 5.62 27.70
CA PRO B 152 -23.79 6.55 26.64
C PRO B 152 -24.56 7.75 27.18
N LYS B 153 -24.05 8.94 26.88
CA LYS B 153 -24.64 10.22 27.27
C LYS B 153 -24.60 11.05 26.01
N ALA B 154 -25.77 11.46 25.50
CA ALA B 154 -25.83 12.21 24.25
C ALA B 154 -25.14 13.56 24.36
N TYR B 155 -24.39 13.90 23.29
CA TYR B 155 -23.70 15.17 23.10
C TYR B 155 -24.15 15.63 21.73
N TYR B 156 -24.85 16.76 21.67
CA TYR B 156 -25.32 17.25 20.38
C TYR B 156 -24.17 17.76 19.51
N SER B 157 -24.07 17.25 18.26
CA SER B 157 -23.06 17.71 17.30
C SER B 157 -23.72 18.74 16.37
N PRO B 158 -23.43 20.05 16.54
CA PRO B 158 -24.09 21.07 15.69
C PRO B 158 -23.87 20.84 14.19
N VAL B 159 -22.62 20.53 13.78
CA VAL B 159 -22.26 20.23 12.38
C VAL B 159 -22.87 18.87 11.91
N GLY B 160 -22.95 17.92 12.85
CA GLY B 160 -23.49 16.59 12.58
C GLY B 160 -25.00 16.56 12.50
N LYS B 161 -25.65 17.60 13.06
CA LYS B 161 -27.11 17.79 13.13
C LYS B 161 -27.82 16.63 13.86
N LYS B 162 -27.13 15.99 14.81
CA LYS B 162 -27.66 14.87 15.59
C LYS B 162 -26.82 14.66 16.86
N ASN B 163 -27.36 13.86 17.78
CA ASN B 163 -26.68 13.48 19.01
C ASN B 163 -25.64 12.42 18.67
N ILE B 164 -24.47 12.56 19.27
CA ILE B 164 -23.37 11.60 19.18
C ILE B 164 -23.05 11.15 20.61
N TYR B 165 -22.25 10.06 20.75
CA TYR B 165 -21.89 9.55 22.07
C TYR B 165 -20.38 9.50 22.15
N LEU B 166 -19.85 9.80 23.32
CA LEU B 166 -18.40 9.85 23.52
C LEU B 166 -17.95 8.64 24.37
N ASN B 167 -18.72 7.54 24.29
CA ASN B 167 -18.40 6.28 24.99
C ASN B 167 -17.60 5.41 23.99
N SER B 168 -16.58 5.99 23.39
CA SER B 168 -15.84 5.30 22.33
C SER B 168 -14.33 5.33 22.47
N GLY B 169 -13.69 4.47 21.68
CA GLY B 169 -12.25 4.35 21.66
C GLY B 169 -11.86 3.57 20.43
N LEU B 170 -10.57 3.60 20.09
CA LEU B 170 -10.09 2.82 18.95
C LEU B 170 -8.70 2.26 19.23
N THR B 171 -8.34 1.17 18.56
CA THR B 171 -7.05 0.47 18.63
C THR B 171 -6.64 0.16 17.21
N SER B 172 -5.39 0.52 16.86
CA SER B 172 -4.77 0.12 15.60
C SER B 172 -3.69 -0.90 15.92
N THR B 173 -3.62 -1.98 15.12
CA THR B 173 -2.59 -2.99 15.32
C THR B 173 -1.42 -2.86 14.31
N LYS B 174 -1.30 -1.65 13.70
CA LYS B 174 -0.22 -1.35 12.78
C LYS B 174 0.57 -0.15 13.31
N ASN B 175 1.91 -0.24 13.28
CA ASN B 175 2.74 0.87 13.73
C ASN B 175 4.08 0.77 13.04
N TYR B 176 4.56 1.90 12.50
CA TYR B 176 5.83 2.00 11.78
C TYR B 176 5.96 0.95 10.68
N GLY B 177 4.91 0.83 9.87
CA GLY B 177 4.77 -0.07 8.74
C GLY B 177 4.63 -1.56 9.02
N LYS B 178 4.53 -1.97 10.31
CA LYS B 178 4.44 -3.38 10.66
C LYS B 178 3.28 -3.67 11.60
N THR B 179 2.88 -4.95 11.66
CA THR B 179 1.85 -5.41 12.60
C THR B 179 2.52 -5.42 13.97
N ILE B 180 1.86 -4.83 14.97
CA ILE B 180 2.43 -4.85 16.32
C ILE B 180 2.24 -6.27 16.92
N LEU B 181 2.99 -6.60 17.98
CA LEU B 181 2.83 -7.89 18.64
C LEU B 181 1.45 -7.90 19.31
N THR B 182 0.82 -9.08 19.40
CA THR B 182 -0.47 -9.20 20.07
C THR B 182 -0.38 -8.75 21.54
N LYS B 183 0.75 -9.03 22.23
CA LYS B 183 0.90 -8.61 23.62
C LYS B 183 0.78 -7.05 23.74
N GLU B 184 1.26 -6.33 22.70
CA GLU B 184 1.18 -4.86 22.62
C GLU B 184 -0.27 -4.44 22.31
N ALA B 185 -0.92 -5.14 21.35
CA ALA B 185 -2.32 -4.90 20.96
C ALA B 185 -3.22 -4.97 22.20
N ASP B 186 -3.05 -6.00 23.06
CA ASP B 186 -3.84 -6.13 24.30
C ASP B 186 -3.67 -4.88 25.16
N LEU B 187 -2.44 -4.38 25.27
CA LEU B 187 -2.20 -3.22 26.13
C LEU B 187 -2.70 -1.89 25.56
N VAL B 188 -2.73 -1.75 24.23
CA VAL B 188 -3.30 -0.55 23.60
C VAL B 188 -4.78 -0.53 23.98
N THR B 189 -5.47 -1.66 23.76
CA THR B 189 -6.90 -1.75 24.10
C THR B 189 -7.12 -1.52 25.60
N THR B 190 -6.26 -2.08 26.46
CA THR B 190 -6.34 -1.90 27.93
C THR B 190 -6.19 -0.38 28.25
N HIS B 191 -5.20 0.28 27.62
CA HIS B 191 -4.92 1.71 27.81
C HIS B 191 -6.12 2.59 27.41
N GLU B 192 -6.69 2.30 26.21
CA GLU B 192 -7.83 3.05 25.67
C GLU B 192 -9.06 2.85 26.58
N LEU B 193 -9.34 1.58 26.95
CA LEU B 193 -10.44 1.33 27.88
C LEU B 193 -10.14 1.98 29.24
N GLY B 194 -8.87 2.07 29.60
CA GLY B 194 -8.45 2.73 30.84
C GLY B 194 -8.88 4.18 30.85
N HIS B 195 -8.63 4.91 29.74
CA HIS B 195 -9.11 6.28 29.53
C HIS B 195 -10.65 6.31 29.63
N ASN B 196 -11.34 5.36 28.96
CA ASN B 196 -12.81 5.28 28.99
C ASN B 196 -13.35 5.10 30.43
N PHE B 197 -12.61 4.37 31.26
CA PHE B 197 -12.95 4.08 32.67
C PHE B 197 -12.54 5.25 33.58
N GLY B 198 -12.01 6.33 33.00
CA GLY B 198 -11.64 7.54 33.73
C GLY B 198 -10.20 7.71 34.18
N ALA B 199 -9.28 6.84 33.74
CA ALA B 199 -7.88 7.05 34.14
C ALA B 199 -7.22 8.07 33.22
N GLU B 200 -6.32 8.88 33.80
CA GLU B 200 -5.51 9.76 32.99
C GLU B 200 -4.13 9.08 32.95
N HIS B 201 -3.15 9.70 32.27
CA HIS B 201 -1.84 9.06 32.23
C HIS B 201 -1.16 9.08 33.57
N ASP B 202 -0.30 8.07 33.81
CA ASP B 202 0.59 8.04 34.95
C ASP B 202 1.63 9.14 34.70
N PRO B 203 2.34 9.62 35.73
CA PRO B 203 3.37 10.64 35.48
C PRO B 203 4.49 10.02 34.62
N ASP B 204 5.18 10.83 33.83
CA ASP B 204 6.32 10.34 33.06
C ASP B 204 7.55 10.27 33.96
N GLY B 205 8.52 9.46 33.55
CA GLY B 205 9.77 9.33 34.29
C GLY B 205 9.60 8.40 35.47
N LEU B 206 10.10 8.79 36.65
CA LEU B 206 10.06 7.93 37.82
C LEU B 206 9.17 8.53 38.90
N ALA B 207 8.19 7.75 39.39
CA ALA B 207 7.26 8.19 40.44
C ALA B 207 6.63 6.94 41.06
N GLU B 208 5.84 7.11 42.15
CA GLU B 208 5.14 5.97 42.77
C GLU B 208 4.35 5.20 41.68
N CYS B 209 3.71 5.96 40.78
CA CYS B 209 2.89 5.41 39.68
C CYS B 209 3.65 5.15 38.37
N ALA B 210 4.99 5.21 38.40
CA ALA B 210 5.82 4.95 37.22
C ALA B 210 7.15 4.34 37.73
N PRO B 211 7.11 3.07 38.18
CA PRO B 211 8.31 2.45 38.81
C PRO B 211 9.50 2.27 37.90
N ASN B 212 10.70 2.00 38.49
CA ASN B 212 11.88 1.72 37.69
C ASN B 212 11.78 0.26 37.12
N GLU B 213 12.73 -0.11 36.26
CA GLU B 213 12.80 -1.42 35.60
C GLU B 213 12.91 -2.59 36.60
N ASP B 214 13.75 -2.42 37.62
CA ASP B 214 13.98 -3.40 38.66
C ASP B 214 12.71 -3.76 39.43
N GLN B 215 11.81 -2.77 39.60
CA GLN B 215 10.55 -2.93 40.31
C GLN B 215 9.37 -3.36 39.42
N GLY B 216 9.65 -3.75 38.18
CA GLY B 216 8.61 -4.21 37.27
C GLY B 216 8.25 -3.31 36.11
N GLY B 217 8.85 -2.11 36.05
CA GLY B 217 8.61 -1.17 34.96
C GLY B 217 7.34 -0.37 35.09
N LYS B 218 6.93 0.25 34.00
CA LYS B 218 5.77 1.15 33.99
C LYS B 218 4.45 0.46 33.97
N TYR B 219 3.41 1.15 34.45
CA TYR B 219 2.05 0.62 34.42
C TYR B 219 1.37 0.95 33.08
N VAL B 220 0.24 0.32 32.79
CA VAL B 220 -0.44 0.45 31.50
C VAL B 220 -0.80 1.88 31.08
N MET B 221 -1.08 2.76 32.06
CA MET B 221 -1.44 4.14 31.75
C MET B 221 -0.23 5.08 31.56
N TYR B 222 0.99 4.48 31.45
CA TYR B 222 2.18 5.28 31.18
C TYR B 222 1.96 6.03 29.82
N PRO B 223 2.33 7.33 29.70
CA PRO B 223 1.99 8.10 28.47
C PRO B 223 2.65 7.61 27.20
N ILE B 224 3.84 7.00 27.33
CA ILE B 224 4.57 6.43 26.19
C ILE B 224 4.21 4.94 26.19
N ALA B 225 3.68 4.44 25.07
CA ALA B 225 3.18 3.06 25.01
C ALA B 225 4.16 2.00 25.53
N VAL B 226 3.75 1.32 26.60
CA VAL B 226 4.49 0.20 27.18
C VAL B 226 4.55 -0.92 26.13
N SER B 227 5.65 -1.64 26.10
CA SER B 227 5.87 -2.72 25.13
C SER B 227 5.18 -4.03 25.52
N GLY B 228 4.96 -4.23 26.82
CA GLY B 228 4.46 -5.49 27.37
C GLY B 228 5.62 -6.40 27.80
N ASP B 229 6.89 -5.95 27.65
CA ASP B 229 8.06 -6.75 28.03
C ASP B 229 8.24 -6.85 29.56
N HIS B 230 7.72 -5.86 30.34
CA HIS B 230 7.88 -5.74 31.79
C HIS B 230 6.60 -6.10 32.53
N GLU B 231 6.76 -6.69 33.73
CA GLU B 231 5.64 -7.21 34.52
C GLU B 231 4.54 -6.19 34.79
N ASN B 232 4.91 -4.93 35.13
CA ASN B 232 3.89 -3.91 35.47
C ASN B 232 3.10 -3.40 34.28
N ASN B 233 3.62 -3.59 33.06
CA ASN B 233 2.98 -3.10 31.83
C ASN B 233 1.53 -3.56 31.64
N LYS B 234 1.16 -4.75 32.17
CA LYS B 234 -0.19 -5.34 32.09
C LYS B 234 -1.02 -4.99 33.32
N MET B 235 -0.57 -4.03 34.14
CA MET B 235 -1.24 -3.69 35.39
C MET B 235 -1.55 -2.21 35.47
N PHE B 236 -2.54 -1.86 36.31
CA PHE B 236 -2.86 -0.47 36.58
C PHE B 236 -2.10 0.06 37.80
N SER B 237 -1.61 1.31 37.71
CA SER B 237 -0.92 1.98 38.82
C SER B 237 -1.94 2.30 39.95
N GLN B 238 -1.44 2.74 41.12
CA GLN B 238 -2.33 3.23 42.20
C GLN B 238 -3.10 4.46 41.71
N CYS B 239 -2.44 5.31 40.88
CA CYS B 239 -3.03 6.52 40.30
C CYS B 239 -4.21 6.17 39.43
N SER B 240 -4.05 5.16 38.54
CA SER B 240 -5.14 4.72 37.67
C SER B 240 -6.29 4.11 38.48
N LYS B 241 -5.95 3.34 39.52
CA LYS B 241 -6.91 2.67 40.40
C LYS B 241 -7.81 3.69 41.11
N GLN B 242 -7.23 4.76 41.68
CA GLN B 242 -7.97 5.82 42.38
C GLN B 242 -8.97 6.50 41.43
N SER B 243 -8.53 6.84 40.20
CA SER B 243 -9.36 7.50 39.21
C SER B 243 -10.52 6.56 38.71
N ILE B 244 -10.19 5.29 38.41
CA ILE B 244 -11.19 4.35 37.89
C ILE B 244 -12.18 3.92 38.98
N TYR B 245 -11.70 3.74 40.22
CA TYR B 245 -12.54 3.40 41.39
C TYR B 245 -13.67 4.44 41.53
N LYS B 246 -13.32 5.74 41.41
CA LYS B 246 -14.28 6.86 41.44
C LYS B 246 -15.28 6.75 40.29
N THR B 247 -14.82 6.37 39.07
CA THR B 247 -15.71 6.22 37.91
C THR B 247 -16.68 5.06 38.15
N ILE B 248 -16.15 3.90 38.59
CA ILE B 248 -16.96 2.69 38.84
C ILE B 248 -18.02 3.00 39.90
N GLU B 249 -17.62 3.65 41.00
CA GLU B 249 -18.50 4.07 42.09
C GLU B 249 -19.67 4.95 41.62
N SER B 250 -19.44 5.83 40.61
CA SER B 250 -20.52 6.70 40.13
C SER B 250 -21.21 6.28 38.81
N LYS B 251 -20.64 5.32 38.05
CA LYS B 251 -21.18 4.91 36.73
C LYS B 251 -21.67 3.45 36.60
N ALA B 252 -21.32 2.57 37.55
CA ALA B 252 -21.74 1.16 37.48
C ALA B 252 -23.27 1.00 37.52
N GLN B 253 -23.96 1.78 38.38
CA GLN B 253 -25.43 1.75 38.48
C GLN B 253 -26.08 2.28 37.21
N GLU B 254 -25.41 3.23 36.54
CA GLU B 254 -25.90 3.84 35.30
C GLU B 254 -25.92 2.91 34.09
N CYS B 255 -24.82 2.17 33.82
CA CYS B 255 -24.81 1.35 32.61
C CYS B 255 -24.10 0.00 32.73
N PHE B 256 -23.50 -0.34 33.89
CA PHE B 256 -22.86 -1.66 34.02
C PHE B 256 -23.96 -2.70 34.22
N GLN B 257 -23.69 -3.95 33.83
CA GLN B 257 -24.65 -5.04 33.94
C GLN B 257 -23.98 -6.27 34.54
N GLU B 258 -24.78 -7.34 34.71
CA GLU B 258 -24.29 -8.62 35.16
C GLU B 258 -23.68 -9.30 33.92
N ARG B 259 -22.78 -10.27 34.11
CA ARG B 259 -22.18 -11.04 33.01
C ARG B 259 -23.27 -11.83 32.27
#